data_8C40
#
_entry.id   8C40
#
_cell.length_a   82.141
_cell.length_b   111.980
_cell.length_c   62.806
_cell.angle_alpha   90.00
_cell.angle_beta   90.00
_cell.angle_gamma   90.00
#
_symmetry.space_group_name_H-M   'C 2 2 21'
#
loop_
_entity.id
_entity.type
_entity.pdbx_description
1 polymer '14-3-3 protein sigma'
2 polymer 'Estrogen Receptor alpha phosphopeptide'
3 non-polymer 'MAGNESIUM ION'
4 water water
#
loop_
_entity_poly.entity_id
_entity_poly.type
_entity_poly.pdbx_seq_one_letter_code
_entity_poly.pdbx_strand_id
1 'polypeptide(L)'
;GAMGSMERASLIQKAKLAEQAERYEDMAAFMKGAVEKGEELSCEERNLLSVAYKNVVGGQRAAWRVLSSIEQKSNEEGSE
EKGPEVREYREKVETELQGVCDTVLGLLDSHLIKEAGDAESRVFYLKMKGDYYRYLAEVATGDDKKRIIDSARSAYQEAM
DISKKEMPPTNPIRLGLALNFSVFHYEIANSPEEAISLAKTTFDEAMADLHTLSEDSYKDSTLIMQLLRDNLTLWT
;
A
2 'polypeptide(L)' AEGRRA(TPO)V B
#
loop_
_chem_comp.id
_chem_comp.type
_chem_comp.name
_chem_comp.formula
MG non-polymer 'MAGNESIUM ION' 'Mg 2'
#
# COMPACT_ATOMS: atom_id res chain seq x y z
N GLY A 1 -14.99 -9.55 17.90
CA GLY A 1 -15.27 -8.82 16.68
C GLY A 1 -16.75 -8.71 16.40
N ALA A 2 -17.20 -7.52 16.02
CA ALA A 2 -18.61 -7.29 15.71
C ALA A 2 -19.08 -8.11 14.51
N MET A 3 -18.17 -8.60 13.68
CA MET A 3 -18.53 -9.45 12.55
C MET A 3 -18.49 -10.94 12.87
N GLY A 4 -18.22 -11.31 14.13
CA GLY A 4 -18.08 -12.72 14.47
C GLY A 4 -19.32 -13.55 14.22
N SER A 5 -20.50 -12.94 14.26
CA SER A 5 -21.73 -13.69 14.04
C SER A 5 -22.16 -13.77 12.59
N MET A 6 -21.45 -13.13 11.67
CA MET A 6 -21.87 -13.12 10.27
C MET A 6 -21.08 -14.16 9.48
N GLU A 7 -21.78 -14.87 8.59
CA GLU A 7 -21.14 -15.87 7.74
C GLU A 7 -20.05 -15.25 6.89
N ARG A 8 -18.97 -16.02 6.67
CA ARG A 8 -17.89 -15.57 5.83
C ARG A 8 -18.39 -15.13 4.46
N ALA A 9 -19.25 -15.93 3.82
CA ALA A 9 -19.71 -15.59 2.49
C ALA A 9 -20.55 -14.32 2.50
N SER A 10 -21.33 -14.11 3.57
CA SER A 10 -22.13 -12.90 3.70
C SER A 10 -21.25 -11.66 3.87
N LEU A 11 -20.15 -11.79 4.61
CA LEU A 11 -19.21 -10.69 4.74
C LEU A 11 -18.61 -10.30 3.40
N ILE A 12 -18.25 -11.31 2.60
N ILE A 12 -18.25 -11.30 2.59
CA ILE A 12 -17.69 -11.05 1.27
CA ILE A 12 -17.69 -11.01 1.27
C ILE A 12 -18.74 -10.40 0.38
C ILE A 12 -18.75 -10.38 0.37
N GLN A 13 -19.97 -10.92 0.39
CA GLN A 13 -21.04 -10.34 -0.40
C GLN A 13 -21.26 -8.88 -0.02
N LYS A 14 -21.29 -8.59 1.29
CA LYS A 14 -21.50 -7.22 1.75
C LYS A 14 -20.30 -6.33 1.44
N ALA A 15 -19.07 -6.87 1.49
CA ALA A 15 -17.92 -6.07 1.06
C ALA A 15 -18.08 -5.61 -0.38
N LYS A 16 -18.61 -6.47 -1.25
CA LYS A 16 -18.80 -6.09 -2.65
C LYS A 16 -19.89 -5.05 -2.79
N LEU A 17 -20.97 -5.17 -2.01
CA LEU A 17 -22.01 -4.16 -2.01
C LEU A 17 -21.48 -2.82 -1.50
N ALA A 18 -20.68 -2.86 -0.43
CA ALA A 18 -20.10 -1.64 0.11
C ALA A 18 -19.20 -0.96 -0.91
N GLU A 19 -18.42 -1.74 -1.66
CA GLU A 19 -17.62 -1.15 -2.73
C GLU A 19 -18.50 -0.41 -3.75
N GLN A 20 -19.58 -1.05 -4.18
CA GLN A 20 -20.48 -0.42 -5.15
C GLN A 20 -21.06 0.87 -4.62
N ALA A 21 -21.33 0.92 -3.31
CA ALA A 21 -21.90 2.10 -2.66
C ALA A 21 -20.84 3.09 -2.20
N GLU A 22 -19.56 2.81 -2.49
CA GLU A 22 -18.43 3.65 -2.08
C GLU A 22 -18.39 3.85 -0.56
N ARG A 23 -18.73 2.81 0.18
CA ARG A 23 -18.72 2.81 1.64
C ARG A 23 -17.49 2.02 2.08
N TYR A 24 -16.33 2.65 1.96
CA TYR A 24 -15.09 1.90 2.10
C TYR A 24 -14.78 1.54 3.55
N GLU A 25 -15.21 2.36 4.50
CA GLU A 25 -15.05 1.97 5.90
C GLU A 25 -15.84 0.69 6.20
N ASP A 26 -17.09 0.62 5.73
CA ASP A 26 -17.85 -0.63 5.88
C ASP A 26 -17.16 -1.77 5.16
N MET A 27 -16.68 -1.52 3.94
CA MET A 27 -16.03 -2.58 3.16
C MET A 27 -14.85 -3.14 3.94
N ALA A 28 -14.04 -2.27 4.55
CA ALA A 28 -12.88 -2.70 5.32
C ALA A 28 -13.31 -3.52 6.54
N ALA A 29 -14.36 -3.06 7.24
CA ALA A 29 -14.83 -3.81 8.40
C ALA A 29 -15.34 -5.20 8.00
N PHE A 30 -16.04 -5.30 6.87
CA PHE A 30 -16.50 -6.60 6.40
C PHE A 30 -15.32 -7.50 6.06
N MET A 31 -14.33 -6.97 5.33
CA MET A 31 -13.16 -7.78 4.99
C MET A 31 -12.32 -8.17 6.19
N LYS A 32 -12.18 -7.28 7.17
CA LYS A 32 -11.52 -7.67 8.41
C LYS A 32 -12.26 -8.84 9.07
N GLY A 33 -13.59 -8.77 9.11
CA GLY A 33 -14.36 -9.88 9.63
C GLY A 33 -14.12 -11.16 8.85
N ALA A 34 -14.03 -11.06 7.52
CA ALA A 34 -13.76 -12.24 6.72
C ALA A 34 -12.38 -12.83 7.03
N VAL A 35 -11.35 -11.96 7.13
CA VAL A 35 -10.02 -12.45 7.47
C VAL A 35 -10.05 -13.18 8.80
N GLU A 36 -10.76 -12.61 9.78
CA GLU A 36 -10.76 -13.18 11.12
C GLU A 36 -11.50 -14.52 11.20
N LYS A 37 -12.17 -14.95 10.14
CA LYS A 37 -12.70 -16.30 10.10
C LYS A 37 -11.60 -17.34 10.10
N GLY A 38 -10.37 -16.96 9.72
CA GLY A 38 -9.21 -17.83 9.83
C GLY A 38 -8.85 -18.61 8.58
N GLU A 39 -9.70 -18.59 7.56
CA GLU A 39 -9.38 -19.26 6.31
C GLU A 39 -8.53 -18.34 5.42
N GLU A 40 -7.73 -18.96 4.56
CA GLU A 40 -6.97 -18.19 3.58
C GLU A 40 -7.93 -17.46 2.63
N LEU A 41 -7.43 -16.40 2.01
CA LEU A 41 -8.22 -15.58 1.09
C LEU A 41 -7.90 -15.98 -0.34
N SER A 42 -8.93 -16.04 -1.17
CA SER A 42 -8.74 -16.18 -2.61
C SER A 42 -8.18 -14.89 -3.20
N CYS A 43 -7.78 -14.97 -4.48
CA CYS A 43 -7.26 -13.79 -5.13
C CYS A 43 -8.26 -12.64 -5.12
N GLU A 44 -9.51 -12.92 -5.46
CA GLU A 44 -10.52 -11.87 -5.47
C GLU A 44 -10.69 -11.31 -4.06
N GLU A 45 -10.69 -12.17 -3.05
CA GLU A 45 -10.87 -11.69 -1.67
C GLU A 45 -9.69 -10.85 -1.21
N ARG A 46 -8.47 -11.23 -1.60
CA ARG A 46 -7.30 -10.41 -1.23
C ARG A 46 -7.43 -9.01 -1.81
N ASN A 47 -7.91 -8.92 -3.05
CA ASN A 47 -8.08 -7.61 -3.68
C ASN A 47 -9.22 -6.81 -3.07
N LEU A 48 -10.26 -7.47 -2.54
CA LEU A 48 -11.27 -6.72 -1.81
C LEU A 48 -10.70 -6.13 -0.54
N LEU A 49 -9.90 -6.91 0.18
CA LEU A 49 -9.24 -6.43 1.40
C LEU A 49 -8.37 -5.23 1.09
N SER A 50 -7.55 -5.31 0.05
N SER A 50 -7.56 -5.32 0.04
CA SER A 50 -6.63 -4.23 -0.26
CA SER A 50 -6.63 -4.23 -0.29
C SER A 50 -7.36 -2.98 -0.75
C SER A 50 -7.37 -2.99 -0.73
N VAL A 51 -8.38 -3.14 -1.60
CA VAL A 51 -9.14 -1.98 -2.07
C VAL A 51 -9.78 -1.24 -0.89
N ALA A 52 -10.37 -1.98 0.04
CA ALA A 52 -11.06 -1.36 1.15
C ALA A 52 -10.12 -0.51 1.98
N TYR A 53 -9.01 -1.12 2.45
CA TYR A 53 -8.11 -0.39 3.32
C TYR A 53 -7.35 0.70 2.56
N LYS A 54 -7.06 0.50 1.27
CA LYS A 54 -6.35 1.53 0.52
C LYS A 54 -7.18 2.80 0.45
N ASN A 55 -8.50 2.65 0.26
CA ASN A 55 -9.38 3.80 0.21
C ASN A 55 -9.53 4.46 1.57
N VAL A 56 -9.68 3.66 2.63
CA VAL A 56 -9.78 4.24 3.98
C VAL A 56 -8.52 5.02 4.32
N VAL A 57 -7.36 4.37 4.21
N VAL A 57 -7.35 4.37 4.23
CA VAL A 57 -6.13 5.06 4.60
CA VAL A 57 -6.12 5.07 4.59
C VAL A 57 -5.79 6.18 3.61
C VAL A 57 -5.83 6.21 3.62
N GLY A 58 -6.22 6.07 2.36
CA GLY A 58 -5.96 7.13 1.40
C GLY A 58 -6.66 8.42 1.77
N GLY A 59 -7.90 8.31 2.25
CA GLY A 59 -8.59 9.50 2.74
C GLY A 59 -7.92 10.09 3.96
N GLN A 60 -7.47 9.24 4.88
CA GLN A 60 -6.78 9.72 6.08
C GLN A 60 -5.46 10.40 5.72
N ARG A 61 -4.70 9.80 4.81
CA ARG A 61 -3.42 10.38 4.42
C ARG A 61 -3.60 11.72 3.74
N ALA A 62 -4.59 11.83 2.84
CA ALA A 62 -4.83 13.10 2.18
C ALA A 62 -5.21 14.18 3.20
N ALA A 63 -6.05 13.82 4.18
CA ALA A 63 -6.42 14.78 5.21
C ALA A 63 -5.22 15.16 6.06
N TRP A 64 -4.39 14.18 6.42
CA TRP A 64 -3.18 14.45 7.19
C TRP A 64 -2.27 15.43 6.47
N ARG A 65 -2.13 15.29 5.14
CA ARG A 65 -1.24 16.19 4.42
C ARG A 65 -1.80 17.61 4.41
N VAL A 66 -3.13 17.76 4.29
CA VAL A 66 -3.72 19.09 4.33
C VAL A 66 -3.43 19.75 5.68
N LEU A 67 -3.64 19.00 6.76
CA LEU A 67 -3.46 19.53 8.11
C LEU A 67 -1.99 19.78 8.41
N SER A 68 -1.11 18.89 7.96
N SER A 68 -1.10 18.92 7.93
CA SER A 68 0.33 19.11 8.13
CA SER A 68 0.32 19.13 8.15
C SER A 68 0.80 20.38 7.44
C SER A 68 0.80 20.39 7.44
N SER A 69 0.29 20.64 6.24
CA SER A 69 0.67 21.85 5.52
C SER A 69 0.20 23.10 6.26
N ILE A 70 -1.01 23.07 6.82
CA ILE A 70 -1.50 24.20 7.60
C ILE A 70 -0.64 24.40 8.84
N GLU A 71 -0.29 23.30 9.51
CA GLU A 71 0.53 23.38 10.72
C GLU A 71 1.91 23.94 10.38
N GLN A 72 2.49 23.52 9.26
CA GLN A 72 3.80 24.03 8.84
C GLN A 72 3.75 25.53 8.63
N LYS A 73 2.72 26.01 7.94
CA LYS A 73 2.59 27.45 7.69
C LYS A 73 2.43 28.21 9.00
N SER A 74 1.70 27.64 9.96
CA SER A 74 1.52 28.28 11.26
C SER A 74 2.84 28.50 11.99
N ASN A 75 3.86 27.71 11.69
CA ASN A 75 5.13 27.78 12.38
C ASN A 75 6.18 28.60 11.61
N GLU A 76 5.78 29.28 10.53
CA GLU A 76 6.67 30.17 9.81
C GLU A 76 6.76 31.52 10.51
N GLU A 77 7.85 32.23 10.27
CA GLU A 77 8.03 33.56 10.83
C GLU A 77 6.94 34.50 10.30
N GLY A 78 6.36 35.29 11.21
CA GLY A 78 5.31 36.22 10.87
C GLY A 78 3.90 35.66 10.99
N SER A 79 3.76 34.36 11.25
CA SER A 79 2.44 33.76 11.37
C SER A 79 1.88 34.01 12.76
N GLU A 80 0.62 34.43 12.81
CA GLU A 80 -0.03 34.71 14.09
C GLU A 80 -0.27 33.42 14.85
N GLU A 81 -0.08 33.48 16.17
CA GLU A 81 -0.34 32.32 17.01
C GLU A 81 -1.83 32.07 17.10
N LYS A 82 -2.25 30.84 16.81
CA LYS A 82 -3.66 30.48 16.82
C LYS A 82 -3.98 29.40 17.84
N GLY A 83 -3.03 29.02 18.67
CA GLY A 83 -3.28 28.04 19.71
C GLY A 83 -2.91 26.64 19.28
N PRO A 84 -3.31 25.67 20.11
CA PRO A 84 -2.92 24.28 19.87
C PRO A 84 -3.83 23.52 18.91
N GLU A 85 -4.87 24.16 18.38
CA GLU A 85 -5.92 23.40 17.70
C GLU A 85 -5.43 22.70 16.44
N VAL A 86 -4.58 23.36 15.65
CA VAL A 86 -4.12 22.73 14.41
C VAL A 86 -3.31 21.47 14.72
N ARG A 87 -2.37 21.60 15.65
CA ARG A 87 -1.58 20.44 16.07
C ARG A 87 -2.48 19.34 16.63
N GLU A 88 -3.42 19.70 17.50
CA GLU A 88 -4.29 18.71 18.10
C GLU A 88 -5.07 17.96 17.03
N TYR A 89 -5.62 18.67 16.06
CA TYR A 89 -6.44 18.00 15.08
C TYR A 89 -5.60 17.19 14.10
N ARG A 90 -4.42 17.69 13.73
CA ARG A 90 -3.50 16.87 12.94
C ARG A 90 -3.13 15.60 13.71
N GLU A 91 -2.91 15.71 15.01
CA GLU A 91 -2.60 14.54 15.83
C GLU A 91 -3.77 13.57 15.88
N LYS A 92 -5.00 14.08 15.95
CA LYS A 92 -6.16 13.20 15.98
C LYS A 92 -6.25 12.39 14.70
N VAL A 93 -6.12 13.05 13.56
CA VAL A 93 -6.14 12.35 12.28
C VAL A 93 -4.98 11.37 12.19
N GLU A 94 -3.80 11.79 12.64
CA GLU A 94 -2.61 10.94 12.60
C GLU A 94 -2.82 9.68 13.43
N THR A 95 -3.42 9.81 14.62
CA THR A 95 -3.62 8.66 15.49
C THR A 95 -4.61 7.68 14.85
N GLU A 96 -5.66 8.20 14.23
N GLU A 96 -5.64 8.20 14.21
CA GLU A 96 -6.62 7.36 13.53
CA GLU A 96 -6.60 7.33 13.54
C GLU A 96 -5.95 6.62 12.38
C GLU A 96 -5.97 6.63 12.35
N LEU A 97 -5.14 7.33 11.60
CA LEU A 97 -4.40 6.73 10.50
C LEU A 97 -3.49 5.61 11.00
N GLN A 98 -2.72 5.89 12.06
CA GLN A 98 -1.84 4.88 12.62
C GLN A 98 -2.64 3.68 13.10
N GLY A 99 -3.83 3.92 13.64
CA GLY A 99 -4.67 2.80 14.05
C GLY A 99 -5.06 1.91 12.90
N VAL A 100 -5.39 2.51 11.76
CA VAL A 100 -5.77 1.70 10.60
C VAL A 100 -4.56 0.91 10.11
N CYS A 101 -3.38 1.53 10.04
CA CYS A 101 -2.19 0.81 9.64
C CYS A 101 -1.90 -0.34 10.59
N ASP A 102 -2.04 -0.10 11.90
CA ASP A 102 -1.79 -1.16 12.88
C ASP A 102 -2.80 -2.30 12.71
N THR A 103 -4.04 -1.96 12.37
CA THR A 103 -5.05 -2.99 12.11
C THR A 103 -4.66 -3.86 10.93
N VAL A 104 -4.24 -3.23 9.82
CA VAL A 104 -3.85 -3.99 8.63
C VAL A 104 -2.63 -4.85 8.94
N LEU A 105 -1.61 -4.24 9.56
CA LEU A 105 -0.41 -4.99 9.89
C LEU A 105 -0.72 -6.15 10.83
N GLY A 106 -1.68 -5.94 11.73
CA GLY A 106 -2.11 -7.01 12.62
C GLY A 106 -2.77 -8.17 11.88
N LEU A 107 -3.60 -7.87 10.88
CA LEU A 107 -4.20 -8.95 10.10
C LEU A 107 -3.14 -9.71 9.33
N LEU A 108 -2.14 -9.00 8.80
CA LEU A 108 -1.07 -9.68 8.08
C LEU A 108 -0.27 -10.58 9.02
N ASP A 109 -0.03 -10.13 10.25
CA ASP A 109 0.76 -10.92 11.19
C ASP A 109 -0.06 -12.02 11.85
N SER A 110 -1.39 -11.94 11.82
CA SER A 110 -2.26 -12.88 12.54
C SER A 110 -3.47 -13.18 11.66
N HIS A 111 -3.30 -14.05 10.65
CA HIS A 111 -2.11 -14.87 10.37
C HIS A 111 -1.95 -15.02 8.85
N LEU A 112 -2.23 -13.94 8.11
CA LEU A 112 -2.28 -14.06 6.65
C LEU A 112 -0.91 -14.43 6.07
N ILE A 113 0.16 -13.76 6.51
CA ILE A 113 1.45 -13.99 5.88
C ILE A 113 1.95 -15.41 6.16
N LYS A 114 1.84 -15.88 7.41
CA LYS A 114 2.42 -17.17 7.74
C LYS A 114 1.75 -18.33 7.01
N GLU A 115 0.50 -18.18 6.58
N GLU A 115 0.50 -18.17 6.58
CA GLU A 115 -0.16 -19.25 5.85
CA GLU A 115 -0.21 -19.21 5.86
C GLU A 115 -0.05 -19.10 4.34
C GLU A 115 -0.09 -19.08 4.35
N ALA A 116 0.52 -18.00 3.85
CA ALA A 116 0.58 -17.71 2.42
C ALA A 116 1.83 -18.36 1.83
N GLY A 117 1.65 -19.43 1.07
CA GLY A 117 2.74 -20.16 0.47
C GLY A 117 2.92 -19.97 -1.03
N ASP A 118 1.84 -19.66 -1.75
CA ASP A 118 1.97 -19.41 -3.16
C ASP A 118 2.53 -18.02 -3.39
N ALA A 119 3.30 -17.85 -4.47
CA ALA A 119 3.94 -16.57 -4.73
C ALA A 119 2.93 -15.42 -4.83
N GLU A 120 1.80 -15.64 -5.51
CA GLU A 120 0.86 -14.55 -5.70
C GLU A 120 0.27 -14.07 -4.38
N SER A 121 0.04 -14.97 -3.43
CA SER A 121 -0.48 -14.51 -2.15
C SER A 121 0.63 -13.92 -1.28
N ARG A 122 1.78 -14.61 -1.20
CA ARG A 122 2.84 -14.15 -0.32
C ARG A 122 3.38 -12.79 -0.74
N VAL A 123 3.65 -12.62 -2.03
CA VAL A 123 4.12 -11.32 -2.54
C VAL A 123 3.08 -10.23 -2.28
N PHE A 124 1.80 -10.54 -2.53
CA PHE A 124 0.73 -9.57 -2.29
C PHE A 124 0.73 -9.10 -0.85
N TYR A 125 0.79 -10.04 0.10
CA TYR A 125 0.74 -9.65 1.52
C TYR A 125 2.00 -8.92 1.96
N LEU A 126 3.17 -9.32 1.45
CA LEU A 126 4.40 -8.62 1.82
C LEU A 126 4.44 -7.21 1.23
N LYS A 127 3.93 -7.03 0.01
CA LYS A 127 3.74 -5.69 -0.52
C LYS A 127 2.84 -4.87 0.39
N MET A 128 1.75 -5.46 0.87
N MET A 128 1.72 -5.45 0.85
CA MET A 128 0.86 -4.73 1.76
CA MET A 128 0.84 -4.77 1.79
C MET A 128 1.58 -4.37 3.06
C MET A 128 1.58 -4.38 3.06
N LYS A 129 2.38 -5.30 3.60
CA LYS A 129 3.13 -4.98 4.81
C LYS A 129 4.09 -3.82 4.58
N GLY A 130 4.79 -3.82 3.44
CA GLY A 130 5.65 -2.69 3.11
C GLY A 130 4.86 -1.39 2.97
N ASP A 131 3.72 -1.45 2.28
CA ASP A 131 2.90 -0.25 2.07
C ASP A 131 2.44 0.34 3.40
N TYR A 132 1.97 -0.50 4.33
CA TYR A 132 1.40 0.06 5.56
C TYR A 132 2.48 0.51 6.53
N TYR A 133 3.66 -0.14 6.53
CA TYR A 133 4.79 0.47 7.23
C TYR A 133 5.23 1.77 6.57
N ARG A 134 5.12 1.86 5.23
CA ARG A 134 5.45 3.12 4.56
C ARG A 134 4.49 4.23 4.97
N TYR A 135 3.20 3.93 5.11
CA TYR A 135 2.26 4.96 5.56
C TYR A 135 2.57 5.38 6.99
N LEU A 136 2.97 4.44 7.86
CA LEU A 136 3.45 4.82 9.19
C LEU A 136 4.69 5.71 9.11
N ALA A 137 5.59 5.42 8.15
CA ALA A 137 6.80 6.22 8.01
C ALA A 137 6.49 7.64 7.56
N GLU A 138 5.44 7.82 6.75
CA GLU A 138 5.08 9.15 6.27
C GLU A 138 4.81 10.11 7.42
N VAL A 139 4.32 9.61 8.55
CA VAL A 139 3.94 10.47 9.67
C VAL A 139 4.89 10.34 10.86
N ALA A 140 5.87 9.45 10.79
CA ALA A 140 6.75 9.22 11.93
C ALA A 140 7.77 10.34 12.04
N THR A 141 8.02 10.77 13.29
CA THR A 141 8.98 11.83 13.57
C THR A 141 9.89 11.52 14.74
N GLY A 142 9.75 10.37 15.39
CA GLY A 142 10.45 10.14 16.65
C GLY A 142 11.53 9.07 16.63
N ASP A 143 11.76 8.46 17.80
CA ASP A 143 12.88 7.55 17.98
C ASP A 143 12.76 6.30 17.13
N ASP A 144 11.55 5.92 16.75
CA ASP A 144 11.31 4.68 16.02
C ASP A 144 11.27 4.86 14.51
N LYS A 145 11.45 6.09 14.01
CA LYS A 145 11.33 6.36 12.58
C LYS A 145 12.23 5.45 11.76
N LYS A 146 13.49 5.31 12.16
CA LYS A 146 14.40 4.45 11.41
C LYS A 146 13.94 3.00 11.40
N ARG A 147 13.42 2.51 12.53
CA ARG A 147 12.96 1.13 12.55
C ARG A 147 11.70 0.95 11.72
N ILE A 148 10.81 1.95 11.72
CA ILE A 148 9.62 1.86 10.87
C ILE A 148 10.02 1.80 9.40
N ILE A 149 10.97 2.67 9.01
CA ILE A 149 11.46 2.68 7.64
C ILE A 149 12.10 1.34 7.30
N ASP A 150 12.88 0.78 8.23
CA ASP A 150 13.53 -0.49 7.93
C ASP A 150 12.53 -1.63 7.85
N SER A 151 11.43 -1.56 8.61
CA SER A 151 10.40 -2.58 8.49
C SER A 151 9.73 -2.54 7.13
N ALA A 152 9.46 -1.33 6.61
CA ALA A 152 8.93 -1.23 5.26
C ALA A 152 9.92 -1.79 4.25
N ARG A 153 11.18 -1.38 4.34
N ARG A 153 11.18 -1.39 4.35
CA ARG A 153 12.21 -1.85 3.42
CA ARG A 153 12.20 -1.85 3.41
C ARG A 153 12.31 -3.37 3.44
C ARG A 153 12.32 -3.37 3.43
N SER A 154 12.33 -3.97 4.63
CA SER A 154 12.52 -5.41 4.75
C SER A 154 11.35 -6.17 4.13
N ALA A 155 10.12 -5.70 4.35
CA ALA A 155 8.96 -6.36 3.76
C ALA A 155 8.99 -6.26 2.24
N TYR A 156 9.26 -5.05 1.73
CA TYR A 156 9.37 -4.89 0.27
C TYR A 156 10.48 -5.76 -0.29
N GLN A 157 11.61 -5.88 0.42
CA GLN A 157 12.75 -6.58 -0.15
C GLN A 157 12.43 -8.08 -0.23
N GLU A 158 11.79 -8.64 0.81
CA GLU A 158 11.37 -10.03 0.73
C GLU A 158 10.40 -10.26 -0.42
N ALA A 159 9.44 -9.34 -0.60
CA ALA A 159 8.48 -9.47 -1.69
C ALA A 159 9.20 -9.41 -3.04
N MET A 160 10.18 -8.51 -3.18
N MET A 160 10.17 -8.49 -3.18
CA MET A 160 10.94 -8.40 -4.42
CA MET A 160 10.93 -8.41 -4.42
C MET A 160 11.69 -9.69 -4.69
C MET A 160 11.68 -9.70 -4.68
N ASP A 161 12.32 -10.25 -3.66
CA ASP A 161 13.12 -11.46 -3.85
C ASP A 161 12.24 -12.61 -4.33
N ILE A 162 11.08 -12.79 -3.72
CA ILE A 162 10.15 -13.84 -4.14
C ILE A 162 9.63 -13.56 -5.55
N SER A 163 9.23 -12.32 -5.82
CA SER A 163 8.63 -12.00 -7.11
C SER A 163 9.61 -12.23 -8.25
N LYS A 164 10.89 -11.92 -8.04
CA LYS A 164 11.90 -12.12 -9.08
C LYS A 164 12.10 -13.60 -9.37
N LYS A 165 12.04 -14.44 -8.34
N LYS A 165 12.02 -14.44 -8.34
CA LYS A 165 12.25 -15.87 -8.52
CA LYS A 165 12.26 -15.86 -8.52
C LYS A 165 11.03 -16.56 -9.10
C LYS A 165 11.03 -16.60 -9.05
N GLU A 166 9.83 -16.15 -8.70
CA GLU A 166 8.63 -16.95 -8.92
C GLU A 166 7.60 -16.36 -9.87
N MET A 167 7.76 -15.11 -10.30
N MET A 167 7.77 -15.13 -10.34
CA MET A 167 6.78 -14.45 -11.14
CA MET A 167 6.73 -14.52 -11.16
C MET A 167 7.42 -13.94 -12.42
C MET A 167 7.37 -13.86 -12.39
N PRO A 168 6.66 -13.85 -13.51
CA PRO A 168 7.17 -13.19 -14.70
C PRO A 168 7.27 -11.69 -14.50
N PRO A 169 8.14 -11.02 -15.26
CA PRO A 169 8.34 -9.57 -15.06
C PRO A 169 7.13 -8.73 -15.40
N THR A 170 6.14 -9.28 -16.09
CA THR A 170 4.91 -8.58 -16.40
C THR A 170 3.80 -8.80 -15.38
N ASN A 171 4.02 -9.64 -14.37
CA ASN A 171 2.97 -9.91 -13.40
C ASN A 171 2.53 -8.60 -12.74
N PRO A 172 1.24 -8.28 -12.73
CA PRO A 172 0.80 -6.98 -12.18
C PRO A 172 1.13 -6.78 -10.71
N ILE A 173 1.16 -7.86 -9.91
CA ILE A 173 1.57 -7.71 -8.52
C ILE A 173 3.04 -7.32 -8.44
N ARG A 174 3.88 -8.02 -9.21
CA ARG A 174 5.30 -7.67 -9.26
C ARG A 174 5.49 -6.24 -9.71
N LEU A 175 4.74 -5.80 -10.73
CA LEU A 175 4.91 -4.45 -11.22
C LEU A 175 4.49 -3.42 -10.18
N GLY A 176 3.35 -3.65 -9.51
CA GLY A 176 2.88 -2.68 -8.51
C GLY A 176 3.79 -2.65 -7.30
N LEU A 177 4.31 -3.82 -6.90
CA LEU A 177 5.30 -3.87 -5.84
C LEU A 177 6.50 -3.01 -6.19
N ALA A 178 7.02 -3.16 -7.40
CA ALA A 178 8.19 -2.38 -7.82
C ALA A 178 7.87 -0.90 -7.88
N LEU A 179 6.69 -0.54 -8.41
CA LEU A 179 6.27 0.86 -8.42
C LEU A 179 6.32 1.46 -7.02
N ASN A 180 5.75 0.74 -6.04
CA ASN A 180 5.63 1.27 -4.69
C ASN A 180 6.98 1.27 -3.97
N PHE A 181 7.80 0.23 -4.17
CA PHE A 181 9.13 0.22 -3.55
C PHE A 181 9.99 1.32 -4.13
N SER A 182 9.83 1.61 -5.43
CA SER A 182 10.54 2.74 -6.03
C SER A 182 10.12 4.05 -5.37
N VAL A 183 8.81 4.24 -5.14
CA VAL A 183 8.35 5.44 -4.43
C VAL A 183 8.90 5.49 -3.00
N PHE A 184 8.91 4.34 -2.31
CA PHE A 184 9.58 4.26 -1.01
C PHE A 184 11.00 4.79 -1.08
N HIS A 185 11.79 4.33 -2.06
CA HIS A 185 13.16 4.82 -2.18
C HIS A 185 13.19 6.32 -2.40
N TYR A 186 12.31 6.83 -3.26
CA TYR A 186 12.36 8.24 -3.64
C TYR A 186 12.03 9.15 -2.49
N GLU A 187 10.95 8.86 -1.77
CA GLU A 187 10.40 9.85 -0.86
C GLU A 187 10.45 9.47 0.62
N ILE A 188 10.79 8.22 0.94
CA ILE A 188 10.97 7.78 2.33
C ILE A 188 12.45 7.59 2.68
N ALA A 189 13.18 6.88 1.82
CA ALA A 189 14.56 6.51 2.11
C ALA A 189 15.59 7.48 1.56
N ASN A 190 15.16 8.61 0.99
CA ASN A 190 16.11 9.62 0.47
C ASN A 190 17.07 9.01 -0.55
N SER A 191 16.55 8.15 -1.42
CA SER A 191 17.35 7.43 -2.42
C SER A 191 16.73 7.58 -3.79
N PRO A 192 16.68 8.80 -4.33
CA PRO A 192 16.06 8.98 -5.66
C PRO A 192 16.76 8.19 -6.76
N GLU A 193 18.07 8.04 -6.71
CA GLU A 193 18.73 7.27 -7.76
C GLU A 193 18.28 5.81 -7.75
N GLU A 194 18.14 5.22 -6.56
CA GLU A 194 17.63 3.85 -6.46
C GLU A 194 16.19 3.79 -6.98
N ALA A 195 15.39 4.80 -6.66
CA ALA A 195 14.01 4.84 -7.13
C ALA A 195 13.94 4.84 -8.65
N ILE A 196 14.78 5.65 -9.28
CA ILE A 196 14.77 5.78 -10.73
C ILE A 196 15.29 4.49 -11.37
N SER A 197 16.38 3.94 -10.84
N SER A 197 16.38 3.94 -10.83
CA SER A 197 16.93 2.69 -11.37
CA SER A 197 16.92 2.70 -11.38
C SER A 197 15.91 1.57 -11.29
C SER A 197 15.92 1.56 -11.29
N LEU A 198 15.24 1.43 -10.15
CA LEU A 198 14.25 0.36 -10.01
C LEU A 198 13.11 0.54 -11.00
N ALA A 199 12.58 1.75 -11.12
CA ALA A 199 11.47 1.96 -12.04
C ALA A 199 11.88 1.65 -13.47
N LYS A 200 13.08 2.07 -13.86
CA LYS A 200 13.54 1.88 -15.24
C LYS A 200 13.77 0.40 -15.54
N THR A 201 14.47 -0.30 -14.66
N THR A 201 14.49 -0.31 -14.66
CA THR A 201 14.73 -1.72 -14.86
CA THR A 201 14.70 -1.73 -14.91
C THR A 201 13.43 -2.51 -14.88
C THR A 201 13.40 -2.51 -14.91
N THR A 202 12.49 -2.19 -13.99
CA THR A 202 11.21 -2.88 -13.95
C THR A 202 10.46 -2.67 -15.26
N PHE A 203 10.41 -1.43 -15.74
CA PHE A 203 9.72 -1.14 -17.00
C PHE A 203 10.35 -1.91 -18.15
N ASP A 204 11.68 -1.88 -18.25
CA ASP A 204 12.35 -2.48 -19.40
C ASP A 204 12.19 -3.99 -19.39
N GLU A 205 12.25 -4.62 -18.22
CA GLU A 205 12.11 -6.06 -18.17
C GLU A 205 10.68 -6.49 -18.48
N ALA A 206 9.69 -5.69 -18.08
CA ALA A 206 8.31 -5.98 -18.46
C ALA A 206 8.11 -5.82 -19.96
N MET A 207 8.63 -4.74 -20.54
N MET A 207 8.65 -4.75 -20.55
CA MET A 207 8.52 -4.51 -21.98
CA MET A 207 8.54 -4.52 -21.98
C MET A 207 8.94 -5.76 -22.75
C MET A 207 8.94 -5.76 -22.76
N ALA A 208 10.08 -6.35 -22.39
CA ALA A 208 10.64 -7.49 -23.09
C ALA A 208 9.79 -8.75 -22.96
N ASP A 209 8.84 -8.80 -22.04
CA ASP A 209 8.06 -10.01 -21.79
C ASP A 209 6.61 -9.85 -22.26
N LEU A 210 6.23 -8.66 -22.75
CA LEU A 210 4.86 -8.44 -23.19
C LEU A 210 4.46 -9.40 -24.33
N HIS A 211 5.42 -9.82 -25.16
CA HIS A 211 5.10 -10.63 -26.32
C HIS A 211 4.50 -11.98 -25.93
N THR A 212 4.66 -12.39 -24.68
CA THR A 212 4.16 -13.69 -24.21
C THR A 212 2.70 -13.65 -23.80
N LEU A 213 2.09 -12.48 -23.74
CA LEU A 213 0.81 -12.27 -23.07
C LEU A 213 -0.36 -12.26 -24.03
N SER A 214 -1.52 -12.67 -23.50
CA SER A 214 -2.78 -12.45 -24.17
C SER A 214 -3.13 -10.97 -24.19
N GLU A 215 -4.16 -10.62 -24.97
CA GLU A 215 -4.57 -9.22 -25.05
C GLU A 215 -5.02 -8.70 -23.68
N ASP A 216 -5.73 -9.51 -22.90
CA ASP A 216 -6.21 -9.03 -21.61
C ASP A 216 -5.07 -8.86 -20.61
N SER A 217 -4.12 -9.80 -20.60
CA SER A 217 -2.97 -9.67 -19.70
C SER A 217 -2.10 -8.50 -20.11
N TYR A 218 -1.97 -8.28 -21.42
CA TYR A 218 -1.20 -7.14 -21.92
C TYR A 218 -1.77 -5.84 -21.42
N LYS A 219 -3.10 -5.70 -21.44
CA LYS A 219 -3.73 -4.50 -20.90
C LYS A 219 -3.44 -4.32 -19.42
N ASP A 220 -3.52 -5.42 -18.65
CA ASP A 220 -3.25 -5.34 -17.20
C ASP A 220 -1.83 -4.87 -16.94
N SER A 221 -0.86 -5.43 -17.65
CA SER A 221 0.54 -5.10 -17.40
C SER A 221 0.89 -3.70 -17.87
N THR A 222 0.43 -3.31 -19.08
CA THR A 222 0.79 -2.01 -19.60
C THR A 222 0.20 -0.88 -18.77
N LEU A 223 -0.93 -1.11 -18.09
CA LEU A 223 -1.49 -0.08 -17.23
C LEU A 223 -0.49 0.30 -16.13
N ILE A 224 0.10 -0.69 -15.46
CA ILE A 224 1.04 -0.39 -14.41
C ILE A 224 2.36 0.10 -14.97
N MET A 225 2.75 -0.40 -16.15
CA MET A 225 3.97 0.08 -16.76
C MET A 225 3.86 1.57 -17.05
N GLN A 226 2.67 2.04 -17.41
CA GLN A 226 2.47 3.46 -17.64
C GLN A 226 2.66 4.26 -16.35
N LEU A 227 2.29 3.69 -15.20
CA LEU A 227 2.54 4.37 -13.94
C LEU A 227 4.04 4.50 -13.65
N LEU A 228 4.82 3.44 -13.94
CA LEU A 228 6.27 3.53 -13.80
C LEU A 228 6.82 4.64 -14.69
N ARG A 229 6.33 4.72 -15.93
CA ARG A 229 6.79 5.76 -16.84
C ARG A 229 6.38 7.14 -16.34
N ASP A 230 5.16 7.26 -15.82
CA ASP A 230 4.72 8.54 -15.25
C ASP A 230 5.65 9.00 -14.15
N ASN A 231 6.03 8.10 -13.26
CA ASN A 231 6.93 8.49 -12.17
C ASN A 231 8.31 8.86 -12.71
N LEU A 232 8.84 8.08 -13.65
CA LEU A 232 10.12 8.42 -14.25
C LEU A 232 10.08 9.80 -14.91
N THR A 233 8.98 10.13 -15.58
CA THR A 233 8.85 11.44 -16.20
C THR A 233 8.82 12.55 -15.14
N LEU A 234 8.13 12.31 -14.04
CA LEU A 234 8.09 13.28 -12.95
C LEU A 234 9.47 13.50 -12.34
N TRP A 235 10.28 12.45 -12.27
CA TRP A 235 11.52 12.48 -11.50
C TRP A 235 12.75 12.81 -12.32
N THR A 236 12.62 12.88 -13.65
CA THR A 236 13.77 13.15 -14.51
C THR A 236 13.50 14.34 -15.42
N GLY B 3 1.61 16.38 -11.51
CA GLY B 3 0.82 15.36 -10.85
C GLY B 3 1.56 14.66 -9.73
N ARG B 4 0.80 14.16 -8.76
CA ARG B 4 1.36 13.38 -7.68
C ARG B 4 1.88 12.04 -8.20
N ARG B 5 3.05 11.62 -7.69
CA ARG B 5 3.59 10.32 -8.10
C ARG B 5 2.59 9.20 -7.84
N ALA B 6 2.69 8.15 -8.64
CA ALA B 6 1.76 7.03 -8.56
C ALA B 6 2.23 5.90 -7.66
N TPO B 7 1.31 5.41 -6.83
CA TPO B 7 1.43 4.09 -6.15
CB TPO B 7 1.72 4.24 -4.65
CG2 TPO B 7 3.12 4.83 -4.42
OG1 TPO B 7 0.73 5.13 -4.12
P TPO B 7 0.48 5.15 -2.52
O1P TPO B 7 1.46 6.05 -1.88
O2P TPO B 7 -0.98 5.71 -2.34
O3P TPO B 7 0.61 3.68 -1.95
C TPO B 7 0.14 3.33 -6.39
O TPO B 7 -0.89 3.93 -6.74
N VAL B 8 0.18 2.01 -6.23
CA VAL B 8 -1.03 1.19 -6.43
C VAL B 8 -1.29 0.26 -5.28
MG MG C . -19.74 -20.45 8.86
MG MG D . 1.56 11.55 16.87
MG MG E . 22.54 10.57 -10.80
MG MG F . 0.39 39.57 13.18
#